data_4YN0
#
_entry.id   4YN0
#
_cell.length_a   67.320
_cell.length_b   67.320
_cell.length_c   226.229
_cell.angle_alpha   90.00
_cell.angle_beta   90.00
_cell.angle_gamma   120.00
#
_symmetry.space_group_name_H-M   'P 61'
#
loop_
_entity.id
_entity.type
_entity.pdbx_description
1 polymer 'Tumor necrosis factor receptor superfamily member 21'
2 polymer 'Amyloid beta A4 protein'
3 non-polymer 2-acetamido-2-deoxy-beta-D-glucopyranose
4 non-polymer 'MAGNESIUM ION'
5 water water
#
loop_
_entity_poly.entity_id
_entity_poly.type
_entity_poly.pdbx_seq_one_letter_code
_entity_poly.pdbx_strand_id
1 'polypeptide(L)'
;GSQPEQKTLSLPGTYRHVDRTTGQVLTCDKCPAGTYVSEHCTNMSLRVCSSCPAGTFTRHENGIERCHDCSQPCPWPMIE
RLPCAALTDRECICPPGMYQSNGTCAPHTVCPVGWGVRKKGTENEDVRCKQCARGTFSDVPSSVMKCKAHTDCLGQNLEV
VKPGTKETDNVCGMRLFFSSTASGRGLVPR
;
A
2 'polypeptide(L)'
;GSSTPDAVDKYLETPGDENEHAHFQKAKERLEAKHRERMSQVMREWEEAERQAKNLPKADKKAVIQHFQEKVESLEQEAA
NERQQLVETHMARVEAMLNDRRRLALENYITALQAVPPRPHHVFNMLKKYVRAEQKDRQHTLKHFEHVRMVDPKKAAQIR
SQVMTHLRVIYERMNQSLSLLYNVPAVAEEIQDEVDELLQKEQNYSDDVLANMISEPRISYGNDASGRGLVPR
;
B
#
loop_
_chem_comp.id
_chem_comp.type
_chem_comp.name
_chem_comp.formula
MG non-polymer 'MAGNESIUM ION' 'Mg 2'
NAG D-saccharide, beta linking 2-acetamido-2-deoxy-beta-D-glucopyranose 'C8 H15 N O6'
#
# COMPACT_ATOMS: atom_id res chain seq x y z
N SER A 10 19.62 -1.78 27.61
CA SER A 10 19.38 -1.60 26.17
C SER A 10 18.14 -2.35 25.71
N LEU A 11 18.00 -3.61 26.12
CA LEU A 11 16.88 -4.49 25.76
C LEU A 11 15.54 -3.72 25.83
N PRO A 12 14.62 -3.98 24.88
CA PRO A 12 13.65 -2.96 24.46
C PRO A 12 12.57 -2.60 25.47
N GLY A 13 12.52 -3.29 26.60
CA GLY A 13 11.59 -2.93 27.66
C GLY A 13 12.25 -2.05 28.70
N THR A 14 13.47 -1.61 28.41
CA THR A 14 14.25 -0.87 29.40
C THR A 14 14.72 0.45 28.83
N TYR A 15 15.14 1.33 29.71
CA TYR A 15 15.81 2.52 29.28
C TYR A 15 16.94 2.81 30.27
N ARG A 16 17.87 3.66 29.85
CA ARG A 16 19.09 3.93 30.62
C ARG A 16 18.85 5.19 31.44
N HIS A 17 19.24 5.16 32.70
CA HIS A 17 19.03 6.35 33.51
C HIS A 17 20.17 6.56 34.48
N VAL A 18 20.62 7.80 34.55
CA VAL A 18 21.76 8.14 35.38
C VAL A 18 21.25 8.74 36.66
N ASP A 19 21.48 8.05 37.78
CA ASP A 19 21.01 8.54 39.07
C ASP A 19 21.58 9.95 39.27
N ARG A 20 20.72 10.90 39.62
CA ARG A 20 21.17 12.28 39.64
C ARG A 20 22.05 12.60 40.85
N THR A 21 22.02 11.75 41.87
CA THR A 21 22.92 11.96 43.00
C THR A 21 24.11 11.01 42.91
N THR A 22 23.85 9.70 42.94
CA THR A 22 24.93 8.74 43.03
C THR A 22 25.72 8.67 41.74
N GLY A 23 25.12 9.17 40.66
CA GLY A 23 25.76 9.12 39.37
C GLY A 23 25.80 7.74 38.76
N GLN A 24 25.24 6.75 39.44
CA GLN A 24 25.22 5.38 38.95
C GLN A 24 24.38 5.22 37.68
N VAL A 25 24.84 4.35 36.78
CA VAL A 25 24.15 4.03 35.55
C VAL A 25 23.20 2.86 35.79
N LEU A 26 21.91 3.18 35.80
CA LEU A 26 20.83 2.26 36.08
C LEU A 26 20.10 1.81 34.81
N THR A 27 19.65 0.57 34.80
CA THR A 27 18.76 0.09 33.77
C THR A 27 17.33 0.05 34.33
N CYS A 28 16.48 1.00 33.94
CA CYS A 28 15.08 1.07 34.43
C CYS A 28 14.10 0.37 33.50
N ASP A 29 12.95 -0.05 34.01
CA ASP A 29 11.94 -0.67 33.17
C ASP A 29 11.05 0.42 32.52
N LYS A 30 10.58 0.20 31.29
CA LYS A 30 9.70 1.20 30.70
C LYS A 30 8.31 1.14 31.40
N CYS A 31 7.57 2.22 31.26
CA CYS A 31 6.19 2.34 31.71
C CYS A 31 5.19 2.11 30.58
N PRO A 32 3.95 1.70 30.88
CA PRO A 32 3.02 1.49 29.76
C PRO A 32 2.54 2.77 29.07
N ALA A 33 2.13 2.63 27.81
CA ALA A 33 1.44 3.71 27.11
C ALA A 33 0.25 4.19 27.93
N GLY A 34 -0.01 5.49 27.93
CA GLY A 34 -1.05 6.09 28.77
C GLY A 34 -0.48 6.56 30.11
N THR A 35 0.81 6.33 30.25
CA THR A 35 1.53 6.54 31.47
C THR A 35 2.90 7.17 31.15
N TYR A 36 3.50 7.86 32.14
CA TYR A 36 4.87 8.39 32.07
C TYR A 36 5.57 8.04 33.39
N VAL A 37 6.90 8.10 33.39
CA VAL A 37 7.70 7.86 34.59
C VAL A 37 7.66 9.08 35.51
N SER A 38 6.92 9.00 36.62
CA SER A 38 6.92 10.08 37.60
C SER A 38 8.08 9.94 38.60
N GLU A 39 8.62 8.74 38.76
CA GLU A 39 9.83 8.57 39.57
C GLU A 39 10.76 7.57 38.92
N HIS A 40 11.96 7.97 38.61
CA HIS A 40 12.90 7.03 38.02
C HIS A 40 13.23 5.91 39.01
N CYS A 41 13.65 4.78 38.49
CA CYS A 41 14.15 3.74 39.33
C CYS A 41 15.38 4.28 40.07
N THR A 42 15.61 3.72 41.26
CA THR A 42 16.86 3.92 41.98
C THR A 42 17.52 2.59 42.20
N ASN A 43 18.66 2.66 42.89
CA ASN A 43 19.38 1.51 43.41
C ASN A 43 18.50 0.49 44.13
N MET A 44 17.57 0.99 44.92
CA MET A 44 16.67 0.15 45.70
C MET A 44 15.28 -0.09 45.08
N SER A 45 14.84 0.78 44.16
CA SER A 45 13.44 0.81 43.80
C SER A 45 13.17 0.78 42.30
N LEU A 46 12.06 0.17 41.92
CA LEU A 46 11.59 0.25 40.54
C LEU A 46 11.12 1.65 40.25
N ARG A 47 11.21 2.08 38.99
CA ARG A 47 10.58 3.31 38.51
C ARG A 47 9.11 3.30 38.93
N VAL A 48 8.53 4.47 39.10
CA VAL A 48 7.12 4.59 39.38
C VAL A 48 6.43 5.25 38.19
N CYS A 49 5.30 4.68 37.74
CA CYS A 49 4.51 5.28 36.63
C CYS A 49 3.30 6.03 37.10
N SER A 50 2.97 7.12 36.44
CA SER A 50 1.73 7.84 36.68
C SER A 50 0.97 8.05 35.37
N SER A 51 -0.35 8.07 35.46
CA SER A 51 -1.26 8.36 34.36
C SER A 51 -1.05 9.72 33.68
N CYS A 52 -1.04 9.73 32.36
CA CYS A 52 -1.04 11.00 31.61
C CYS A 52 -2.17 11.91 32.06
N PRO A 53 -1.84 13.14 32.44
CA PRO A 53 -2.92 14.07 32.81
C PRO A 53 -3.76 14.53 31.61
N ALA A 54 -4.89 15.15 31.90
CA ALA A 54 -5.79 15.65 30.86
C ALA A 54 -5.04 16.51 29.84
N GLY A 55 -5.34 16.28 28.56
CA GLY A 55 -4.69 16.99 27.48
C GLY A 55 -3.32 16.49 27.07
N THR A 56 -2.91 15.31 27.57
CA THR A 56 -1.62 14.76 27.16
C THR A 56 -1.76 13.28 26.87
N PHE A 57 -0.73 12.67 26.33
CA PHE A 57 -0.87 11.28 25.94
C PHE A 57 0.49 10.62 25.87
N THR A 58 0.50 9.30 25.99
CA THR A 58 1.66 8.56 25.48
C THR A 58 1.14 7.41 24.67
N ARG A 59 1.66 7.31 23.46
CA ARG A 59 1.23 6.34 22.47
C ARG A 59 1.87 5.00 22.71
N HIS A 60 3.09 5.01 23.15
CA HIS A 60 3.85 3.80 23.36
C HIS A 60 4.36 3.59 24.79
N GLU A 61 4.79 2.37 25.02
CA GLU A 61 5.68 2.00 26.10
C GLU A 61 6.83 3.00 26.12
N ASN A 62 7.18 3.52 27.29
CA ASN A 62 8.10 4.64 27.33
C ASN A 62 8.88 4.82 28.63
N GLY A 63 9.96 5.58 28.55
CA GLY A 63 10.72 5.98 29.72
C GLY A 63 10.85 7.49 29.82
N ILE A 64 9.82 8.23 29.47
CA ILE A 64 9.97 9.68 29.47
C ILE A 64 9.33 10.31 30.69
N GLU A 65 9.71 11.55 31.00
CA GLU A 65 9.37 12.19 32.27
C GLU A 65 8.12 13.05 32.18
N ARG A 66 7.65 13.29 30.96
CA ARG A 66 6.44 14.07 30.75
C ARG A 66 5.65 13.51 29.54
N CYS A 67 4.33 13.45 29.68
CA CYS A 67 3.49 12.99 28.57
C CYS A 67 3.47 14.06 27.48
N HIS A 68 3.20 13.67 26.24
CA HIS A 68 3.23 14.64 25.15
C HIS A 68 1.95 15.45 25.19
N ASP A 69 2.06 16.76 25.01
CA ASP A 69 0.87 17.60 24.85
C ASP A 69 0.01 17.16 23.66
N CYS A 70 -1.31 17.14 23.84
CA CYS A 70 -2.19 16.84 22.72
C CYS A 70 -2.14 17.95 21.64
N SER A 71 -2.41 17.58 20.40
CA SER A 71 -2.57 18.58 19.32
C SER A 71 -3.67 19.58 19.65
N GLN A 72 -3.51 20.79 19.11
CA GLN A 72 -4.52 21.84 19.20
C GLN A 72 -5.88 21.34 18.81
N PRO A 73 -6.94 21.95 19.33
CA PRO A 73 -8.27 21.50 18.96
C PRO A 73 -8.52 21.73 17.45
N CYS A 74 -9.48 21.02 16.88
CA CYS A 74 -9.61 20.99 15.42
C CYS A 74 -10.05 22.35 14.87
N PRO A 75 -9.22 22.93 13.99
CA PRO A 75 -9.56 24.19 13.30
C PRO A 75 -10.66 24.00 12.27
N TRP A 76 -11.68 24.85 12.32
CA TRP A 76 -12.72 24.89 11.29
C TRP A 76 -12.13 24.69 9.89
N PRO A 77 -12.74 23.81 9.10
CA PRO A 77 -13.96 23.08 9.43
C PRO A 77 -13.68 21.64 9.84
N MET A 78 -12.45 21.33 10.21
CA MET A 78 -12.11 19.95 10.52
C MET A 78 -12.93 19.46 11.69
N ILE A 79 -13.14 18.15 11.74
CA ILE A 79 -13.86 17.54 12.83
C ILE A 79 -12.94 16.52 13.53
N GLU A 80 -13.34 16.14 14.73
CA GLU A 80 -12.49 15.28 15.53
C GLU A 80 -12.98 13.88 15.38
N ARG A 81 -12.17 12.99 14.81
CA ARG A 81 -12.61 11.61 14.82
C ARG A 81 -12.14 10.92 16.11
N LEU A 82 -10.99 11.36 16.58
CA LEU A 82 -10.38 10.87 17.79
C LEU A 82 -10.08 11.94 18.77
N PRO A 83 -10.70 11.68 20.00
CA PRO A 83 -10.47 12.67 21.06
C PRO A 83 -9.07 12.53 21.63
N CYS A 84 -8.63 13.58 22.29
CA CYS A 84 -7.44 13.51 23.09
C CYS A 84 -7.72 12.55 24.25
N ALA A 85 -6.87 11.53 24.43
CA ALA A 85 -7.01 10.66 25.60
C ALA A 85 -5.64 10.18 26.05
N ALA A 86 -5.59 9.43 27.15
CA ALA A 86 -4.32 9.00 27.70
C ALA A 86 -3.41 8.28 26.72
N LEU A 87 -3.95 7.48 25.83
CA LEU A 87 -3.13 6.82 24.84
C LEU A 87 -3.18 7.37 23.44
N THR A 88 -3.83 8.50 23.21
CA THR A 88 -3.99 9.00 21.86
C THR A 88 -4.04 10.49 21.71
N ASP A 89 -3.30 11.01 20.75
CA ASP A 89 -3.45 12.39 20.36
C ASP A 89 -4.82 12.51 19.75
N ARG A 90 -5.43 13.68 19.88
CA ARG A 90 -6.66 13.91 19.15
C ARG A 90 -6.35 13.80 17.66
N GLU A 91 -7.29 13.31 16.87
CA GLU A 91 -7.09 13.26 15.44
C GLU A 91 -8.15 14.03 14.70
N CYS A 92 -7.70 15.04 14.02
CA CYS A 92 -8.54 15.94 13.23
C CYS A 92 -8.56 15.55 11.76
N ILE A 93 -9.75 15.46 11.17
CA ILE A 93 -9.86 15.27 9.73
C ILE A 93 -10.88 16.21 9.05
N CYS A 94 -10.72 16.38 7.73
CA CYS A 94 -11.62 17.18 6.90
C CYS A 94 -13.01 16.58 6.86
N PRO A 95 -14.05 17.43 6.93
CA PRO A 95 -15.46 17.03 6.80
C PRO A 95 -15.73 16.46 5.41
N PRO A 96 -16.83 15.69 5.24
CA PRO A 96 -17.17 15.04 3.98
C PRO A 96 -17.25 16.02 2.80
N GLY A 97 -16.78 15.59 1.62
CA GLY A 97 -16.76 16.47 0.47
C GLY A 97 -15.58 17.44 0.48
N MET A 98 -14.65 17.25 1.42
CA MET A 98 -13.39 18.01 1.39
C MET A 98 -12.18 17.12 1.63
N TYR A 99 -10.98 17.65 1.38
CA TYR A 99 -9.75 16.88 1.60
C TYR A 99 -8.64 17.78 2.13
N GLN A 100 -7.67 17.14 2.78
CA GLN A 100 -6.54 17.84 3.38
C GLN A 100 -5.67 18.41 2.29
N SER A 101 -5.55 19.73 2.28
CA SER A 101 -4.74 20.40 1.30
C SER A 101 -4.01 21.49 2.05
N ASN A 102 -2.69 21.53 1.85
CA ASN A 102 -1.82 22.36 2.67
C ASN A 102 -2.12 22.01 4.11
N GLY A 103 -2.55 22.99 4.89
CA GLY A 103 -2.85 22.72 6.29
C GLY A 103 -4.33 22.88 6.60
N THR A 104 -5.15 22.91 5.56
CA THR A 104 -6.57 23.10 5.76
C THR A 104 -7.40 22.16 4.90
N CYS A 105 -8.67 22.48 4.75
CA CYS A 105 -9.59 21.69 3.94
C CYS A 105 -10.00 22.39 2.63
N ALA A 106 -9.93 21.63 1.54
CA ALA A 106 -10.30 22.10 0.21
C ALA A 106 -11.45 21.26 -0.31
N PRO A 107 -12.46 21.91 -0.91
CA PRO A 107 -13.61 21.17 -1.47
C PRO A 107 -13.16 20.14 -2.50
N HIS A 108 -13.86 19.01 -2.57
CA HIS A 108 -13.51 18.04 -3.59
C HIS A 108 -13.74 18.64 -4.98
N THR A 109 -12.85 18.32 -5.90
CA THR A 109 -13.02 18.70 -7.29
C THR A 109 -14.33 18.14 -7.87
N VAL A 110 -15.14 19.04 -8.43
CA VAL A 110 -16.33 18.66 -9.19
C VAL A 110 -16.01 18.24 -10.65
N CYS A 111 -16.40 17.03 -11.04
CA CYS A 111 -16.21 16.58 -12.42
C CYS A 111 -17.30 17.17 -13.28
N PRO A 112 -16.94 18.09 -14.19
CA PRO A 112 -18.02 18.79 -14.87
C PRO A 112 -18.68 17.89 -15.88
N VAL A 113 -19.71 18.43 -16.50
CA VAL A 113 -20.28 17.89 -17.72
C VAL A 113 -19.22 17.39 -18.72
N GLY A 114 -19.42 16.17 -19.21
CA GLY A 114 -18.44 15.55 -20.07
C GLY A 114 -17.44 14.72 -19.29
N TRP A 115 -17.48 14.81 -17.95
CA TRP A 115 -16.49 14.12 -17.13
C TRP A 115 -17.17 13.35 -16.02
N GLY A 116 -16.60 12.23 -15.64
CA GLY A 116 -17.09 11.51 -14.46
C GLY A 116 -15.99 11.16 -13.47
N VAL A 117 -16.39 10.86 -12.23
CA VAL A 117 -15.42 10.44 -11.23
C VAL A 117 -14.69 9.20 -11.72
N ARG A 118 -13.36 9.20 -11.56
CA ARG A 118 -12.50 8.08 -11.92
C ARG A 118 -11.83 7.47 -10.66
N LYS A 119 -11.48 8.33 -9.71
CA LYS A 119 -11.02 7.90 -8.40
C LYS A 119 -11.73 8.75 -7.35
N LYS A 120 -12.47 8.08 -6.48
CA LYS A 120 -13.30 8.76 -5.46
C LYS A 120 -12.47 9.68 -4.54
N GLY A 121 -13.11 10.69 -3.98
CA GLY A 121 -12.41 11.64 -3.13
C GLY A 121 -12.48 11.25 -1.67
N THR A 122 -11.37 11.42 -0.96
CA THR A 122 -11.25 11.08 0.46
C THR A 122 -10.91 12.29 1.33
N GLU A 123 -10.69 12.07 2.62
CA GLU A 123 -10.31 13.18 3.49
C GLU A 123 -8.86 13.58 3.25
N ASN A 124 -8.07 12.70 2.63
CA ASN A 124 -6.67 13.04 2.33
C ASN A 124 -6.40 13.27 0.84
N GLU A 125 -7.31 12.83 -0.01
CA GLU A 125 -7.03 12.80 -1.44
C GLU A 125 -8.17 13.41 -2.29
N ASP A 126 -7.83 14.31 -3.19
CA ASP A 126 -8.86 14.93 -4.03
C ASP A 126 -9.48 13.88 -4.98
N VAL A 127 -10.69 14.17 -5.43
CA VAL A 127 -11.33 13.42 -6.50
C VAL A 127 -10.45 13.48 -7.71
N ARG A 128 -10.44 12.40 -8.47
CA ARG A 128 -9.77 12.39 -9.75
C ARG A 128 -10.87 12.22 -10.84
N CYS A 129 -10.86 13.06 -11.88
CA CYS A 129 -11.90 13.02 -12.92
C CYS A 129 -11.36 12.44 -14.21
N LYS A 130 -12.22 11.84 -15.03
CA LYS A 130 -11.82 11.50 -16.41
C LYS A 130 -12.92 11.82 -17.41
N GLN A 131 -12.51 12.08 -18.64
CA GLN A 131 -13.45 12.33 -19.72
C GLN A 131 -14.27 11.07 -19.96
N CYS A 132 -15.59 11.18 -19.93
CA CYS A 132 -16.40 10.01 -20.22
C CYS A 132 -15.93 9.37 -21.52
N ALA A 133 -15.78 8.06 -21.52
CA ALA A 133 -15.40 7.34 -22.71
C ALA A 133 -16.60 7.24 -23.65
N ARG A 134 -16.27 7.13 -24.94
CA ARG A 134 -17.20 6.84 -26.01
C ARG A 134 -18.26 5.84 -25.58
N GLY A 135 -19.53 6.15 -25.83
CA GLY A 135 -20.59 5.28 -25.40
C GLY A 135 -21.15 5.68 -24.02
N THR A 136 -20.44 6.53 -23.29
CA THR A 136 -20.98 7.00 -22.01
C THR A 136 -21.04 8.51 -21.94
N PHE A 137 -21.59 9.03 -20.86
CA PHE A 137 -21.73 10.47 -20.70
C PHE A 137 -21.94 10.88 -19.26
N SER A 138 -21.60 12.13 -18.97
CA SER A 138 -22.01 12.77 -17.74
C SER A 138 -22.66 14.10 -18.11
N ASP A 139 -23.91 14.30 -17.71
CA ASP A 139 -24.57 15.55 -18.05
C ASP A 139 -24.72 16.43 -16.82
N VAL A 140 -23.96 16.09 -15.77
CA VAL A 140 -24.01 16.82 -14.51
C VAL A 140 -22.59 17.09 -14.01
N PRO A 141 -22.36 18.27 -13.44
CA PRO A 141 -21.11 18.45 -12.71
C PRO A 141 -21.30 17.89 -11.28
N SER A 142 -20.43 16.96 -10.90
CA SER A 142 -20.60 16.33 -9.59
C SER A 142 -19.28 15.78 -9.16
N SER A 143 -18.97 15.92 -7.87
CA SER A 143 -17.75 15.35 -7.36
C SER A 143 -17.95 13.89 -6.98
N VAL A 144 -19.16 13.37 -7.13
CA VAL A 144 -19.35 11.94 -6.87
C VAL A 144 -19.86 11.11 -8.07
N MET A 145 -20.71 11.66 -8.93
CA MET A 145 -21.25 10.84 -10.02
C MET A 145 -20.17 10.31 -10.97
N LYS A 146 -20.32 9.06 -11.39
CA LYS A 146 -19.45 8.49 -12.42
C LYS A 146 -20.10 8.69 -13.80
N CYS A 147 -19.44 8.22 -14.84
CA CYS A 147 -20.02 8.32 -16.18
C CYS A 147 -21.13 7.30 -16.31
N LYS A 148 -22.13 7.63 -17.12
CA LYS A 148 -23.29 6.75 -17.33
C LYS A 148 -23.39 6.34 -18.81
N ALA A 149 -23.75 5.09 -19.08
CA ALA A 149 -23.81 4.63 -20.47
C ALA A 149 -24.96 5.30 -21.22
N HIS A 150 -24.78 5.54 -22.51
CA HIS A 150 -25.88 6.11 -23.30
C HIS A 150 -27.10 5.21 -23.18
N THR A 151 -28.28 5.81 -23.07
CA THR A 151 -29.52 5.09 -23.25
C THR A 151 -29.50 4.24 -24.53
N ASP A 152 -29.78 2.95 -24.40
CA ASP A 152 -29.95 2.09 -25.57
C ASP A 152 -31.34 2.33 -26.20
N CYS A 153 -31.36 3.06 -27.31
CA CYS A 153 -32.63 3.43 -27.95
C CYS A 153 -33.33 2.24 -28.59
N LEU A 154 -32.56 1.40 -29.30
CA LEU A 154 -33.11 0.19 -29.89
C LEU A 154 -33.71 -0.76 -28.83
N GLY A 155 -33.10 -0.80 -27.65
CA GLY A 155 -33.53 -1.70 -26.60
C GLY A 155 -34.92 -1.42 -26.07
N GLN A 156 -35.50 -0.29 -26.47
CA GLN A 156 -36.88 -0.02 -26.14
C GLN A 156 -37.59 0.41 -27.38
N ASN A 157 -37.18 -0.20 -28.49
CA ASN A 157 -37.85 -0.05 -29.77
C ASN A 157 -37.99 1.39 -30.21
N LEU A 158 -36.88 2.11 -30.18
CA LEU A 158 -36.84 3.47 -30.66
C LEU A 158 -35.62 3.62 -31.54
N GLU A 159 -35.51 4.77 -32.21
CA GLU A 159 -34.32 5.07 -33.01
C GLU A 159 -33.48 6.13 -32.33
N VAL A 160 -32.17 6.05 -32.53
CA VAL A 160 -31.27 7.15 -32.20
C VAL A 160 -31.50 8.29 -33.17
N VAL A 161 -32.11 9.36 -32.68
CA VAL A 161 -32.48 10.53 -33.46
C VAL A 161 -31.42 11.61 -33.29
N LYS A 162 -30.63 11.48 -32.22
CA LYS A 162 -29.48 12.34 -32.02
C LYS A 162 -28.43 11.61 -31.19
N PRO A 163 -27.28 11.32 -31.79
CA PRO A 163 -26.22 10.54 -31.15
C PRO A 163 -25.73 11.20 -29.87
N GLY A 164 -25.51 10.43 -28.82
CA GLY A 164 -24.94 10.99 -27.61
C GLY A 164 -23.49 11.39 -27.79
N THR A 165 -23.02 12.21 -26.86
CA THR A 165 -21.64 12.65 -26.81
C THR A 165 -21.13 12.41 -25.40
N LYS A 166 -19.98 12.98 -25.06
CA LYS A 166 -19.45 12.92 -23.70
C LYS A 166 -20.41 13.61 -22.75
N GLU A 167 -21.09 14.62 -23.27
CA GLU A 167 -21.89 15.52 -22.44
C GLU A 167 -23.38 15.21 -22.47
N THR A 168 -23.81 14.48 -23.47
CA THR A 168 -25.24 14.31 -23.65
C THR A 168 -25.60 12.88 -23.96
N ASP A 169 -26.77 12.48 -23.48
CA ASP A 169 -27.33 11.17 -23.77
C ASP A 169 -27.74 11.11 -25.24
N ASN A 170 -27.77 9.91 -25.79
CA ASN A 170 -28.56 9.65 -26.98
C ASN A 170 -29.94 10.26 -26.85
N VAL A 171 -30.46 10.86 -27.91
CA VAL A 171 -31.86 11.22 -27.97
C VAL A 171 -32.64 10.16 -28.74
N CYS A 172 -33.61 9.53 -28.08
CA CYS A 172 -34.42 8.52 -28.73
C CYS A 172 -35.62 9.16 -29.43
N GLY A 173 -36.12 8.53 -30.48
CA GLY A 173 -37.29 9.04 -31.16
C GLY A 173 -37.84 8.10 -32.22
N MET A 174 -38.97 8.49 -32.80
CA MET A 174 -39.58 7.76 -33.90
C MET A 174 -39.61 8.67 -35.13
N ARG A 175 -39.39 8.10 -36.31
CA ARG A 175 -39.41 8.95 -37.50
C ARG A 175 -40.24 8.40 -38.67
N LEU A 176 -40.89 9.33 -39.38
CA LEU A 176 -41.89 9.04 -40.41
C LEU A 176 -41.41 9.38 -41.82
N PHE A 177 -41.64 8.47 -42.76
CA PHE A 177 -41.33 8.72 -44.16
C PHE A 177 -42.15 7.82 -45.08
N THR B 14 -1.22 3.26 -14.71
CA THR B 14 -2.21 2.21 -14.96
C THR B 14 -3.21 2.12 -13.81
N PRO B 15 -4.52 2.09 -14.15
CA PRO B 15 -5.60 1.95 -13.15
C PRO B 15 -5.52 0.67 -12.32
N GLY B 16 -5.05 -0.43 -12.90
CA GLY B 16 -4.84 -1.65 -12.14
C GLY B 16 -3.76 -1.49 -11.08
N ASP B 17 -2.70 -0.76 -11.43
CA ASP B 17 -1.61 -0.44 -10.50
C ASP B 17 -2.15 0.30 -9.28
N GLU B 18 -2.74 1.47 -9.54
CA GLU B 18 -3.23 2.33 -8.48
C GLU B 18 -4.31 1.61 -7.65
N ASN B 19 -5.13 0.79 -8.32
CA ASN B 19 -6.19 0.09 -7.63
C ASN B 19 -5.67 -1.00 -6.70
N GLU B 20 -4.68 -1.76 -7.16
CA GLU B 20 -4.14 -2.82 -6.34
C GLU B 20 -3.40 -2.24 -5.15
N HIS B 21 -2.65 -1.16 -5.40
CA HIS B 21 -1.97 -0.55 -4.27
C HIS B 21 -2.98 0.03 -3.29
N ALA B 22 -4.13 0.47 -3.79
CA ALA B 22 -5.16 1.00 -2.91
C ALA B 22 -5.80 -0.08 -2.03
N HIS B 23 -6.07 -1.25 -2.59
CA HIS B 23 -6.59 -2.33 -1.77
C HIS B 23 -5.56 -2.78 -0.72
N PHE B 24 -4.30 -2.85 -1.13
CA PHE B 24 -3.23 -3.21 -0.20
C PHE B 24 -3.18 -2.20 0.93
N GLN B 25 -3.29 -0.93 0.57
CA GLN B 25 -3.22 0.16 1.53
C GLN B 25 -4.34 0.01 2.53
N LYS B 26 -5.53 -0.27 2.02
CA LYS B 26 -6.71 -0.36 2.88
C LYS B 26 -6.56 -1.55 3.85
N ALA B 27 -5.98 -2.65 3.35
CA ALA B 27 -5.75 -3.81 4.19
C ALA B 27 -4.81 -3.44 5.33
N LYS B 28 -3.68 -2.82 4.99
CA LYS B 28 -2.72 -2.37 6.00
C LYS B 28 -3.42 -1.53 7.07
N GLU B 29 -4.14 -0.50 6.67
CA GLU B 29 -4.84 0.34 7.66
C GLU B 29 -5.72 -0.50 8.60
N ARG B 30 -6.60 -1.35 8.06
CA ARG B 30 -7.37 -2.28 8.90
C ARG B 30 -6.52 -3.01 9.92
N LEU B 31 -5.40 -3.53 9.42
CA LEU B 31 -4.59 -4.39 10.24
C LEU B 31 -4.00 -3.59 11.40
N GLU B 32 -3.58 -2.39 11.10
CA GLU B 32 -3.00 -1.55 12.11
C GLU B 32 -4.01 -1.07 13.12
N ALA B 33 -5.24 -0.85 12.68
CA ALA B 33 -6.28 -0.49 13.60
C ALA B 33 -6.50 -1.62 14.56
N LYS B 34 -6.52 -2.83 14.06
CA LYS B 34 -6.72 -3.97 14.90
C LYS B 34 -5.61 -4.15 15.92
N HIS B 35 -4.37 -4.00 15.51
CA HIS B 35 -3.26 -4.11 16.40
C HIS B 35 -3.27 -3.02 17.46
N ARG B 36 -3.61 -1.82 17.05
CA ARG B 36 -3.63 -0.72 17.98
C ARG B 36 -4.64 -0.92 19.08
N GLU B 37 -5.81 -1.44 18.74
CA GLU B 37 -6.78 -1.73 19.77
C GLU B 37 -6.32 -2.80 20.71
N ARG B 38 -5.71 -3.85 20.21
CA ARG B 38 -5.23 -4.88 21.09
C ARG B 38 -4.14 -4.38 22.01
N MET B 39 -3.22 -3.60 21.49
CA MET B 39 -2.16 -3.08 22.29
C MET B 39 -2.69 -2.18 23.35
N SER B 40 -3.62 -1.34 22.99
CA SER B 40 -4.18 -0.39 23.90
C SER B 40 -4.83 -1.07 25.04
N GLN B 41 -5.48 -2.17 24.76
CA GLN B 41 -6.15 -2.89 25.82
C GLN B 41 -5.10 -3.48 26.81
N VAL B 42 -4.01 -3.99 26.24
CA VAL B 42 -2.97 -4.58 27.08
C VAL B 42 -2.29 -3.53 27.95
N MET B 43 -2.08 -2.33 27.42
CA MET B 43 -1.40 -1.26 28.15
C MET B 43 -2.26 -0.73 29.28
N ARG B 44 -3.57 -0.65 29.04
CA ARG B 44 -4.50 -0.28 30.09
C ARG B 44 -4.45 -1.31 31.22
N GLU B 45 -4.39 -2.58 30.85
CA GLU B 45 -4.43 -3.62 31.87
C GLU B 45 -3.11 -3.62 32.69
N TRP B 46 -2.00 -3.35 31.99
CA TRP B 46 -0.71 -3.27 32.63
C TRP B 46 -0.75 -2.16 33.68
N GLU B 47 -1.19 -0.98 33.26
CA GLU B 47 -1.23 0.13 34.18
C GLU B 47 -2.12 -0.19 35.43
N GLU B 48 -3.31 -0.75 35.19
CA GLU B 48 -4.21 -1.08 36.30
C GLU B 48 -3.57 -2.12 37.23
N ALA B 49 -2.84 -3.07 36.65
CA ALA B 49 -2.21 -4.11 37.44
C ALA B 49 -1.13 -3.55 38.35
N GLU B 50 -0.32 -2.61 37.84
CA GLU B 50 0.74 -2.02 38.68
C GLU B 50 0.11 -1.21 39.78
N ARG B 51 -1.02 -0.60 39.46
CA ARG B 51 -1.78 0.12 40.48
C ARG B 51 -2.29 -0.84 41.57
N GLN B 52 -2.68 -2.06 41.19
CA GLN B 52 -3.22 -2.98 42.18
C GLN B 52 -2.09 -3.49 43.08
N ALA B 53 -0.91 -3.63 42.49
CA ALA B 53 0.21 -4.27 43.14
C ALA B 53 1.12 -3.31 43.88
N LYS B 54 0.71 -2.07 44.05
CA LYS B 54 1.62 -1.04 44.49
C LYS B 54 2.11 -1.21 45.93
N ASN B 55 1.38 -1.96 46.76
CA ASN B 55 1.85 -2.23 48.13
C ASN B 55 2.45 -3.59 48.30
N LEU B 56 2.76 -4.27 47.19
CA LEU B 56 3.40 -5.57 47.28
C LEU B 56 4.92 -5.39 47.29
N PRO B 57 5.68 -6.47 47.59
CA PRO B 57 7.15 -6.37 47.52
C PRO B 57 7.65 -6.01 46.14
N LYS B 58 8.86 -5.49 46.08
CA LYS B 58 9.51 -5.16 44.84
C LYS B 58 9.50 -6.30 43.84
N ALA B 59 9.86 -7.51 44.25
CA ALA B 59 9.94 -8.63 43.31
C ALA B 59 8.59 -8.98 42.66
N ASP B 60 7.51 -8.76 43.41
CA ASP B 60 6.18 -8.95 42.88
C ASP B 60 5.75 -7.83 41.88
N LYS B 61 6.07 -6.57 42.17
CA LYS B 61 5.85 -5.51 41.19
C LYS B 61 6.63 -5.86 39.90
N LYS B 62 7.85 -6.36 40.07
CA LYS B 62 8.71 -6.70 38.95
C LYS B 62 8.08 -7.81 38.14
N ALA B 63 7.50 -8.79 38.83
CA ALA B 63 6.74 -9.81 38.12
C ALA B 63 5.54 -9.24 37.32
N VAL B 64 4.84 -8.24 37.85
CA VAL B 64 3.76 -7.61 37.06
C VAL B 64 4.32 -7.08 35.73
N ILE B 65 5.42 -6.33 35.85
CA ILE B 65 6.06 -5.78 34.68
C ILE B 65 6.48 -6.87 33.69
N GLN B 66 7.11 -7.93 34.18
CA GLN B 66 7.55 -8.99 33.29
C GLN B 66 6.37 -9.62 32.57
N HIS B 67 5.29 -9.81 33.32
CA HIS B 67 4.11 -10.42 32.76
C HIS B 67 3.64 -9.61 31.54
N PHE B 68 3.55 -8.30 31.71
CA PHE B 68 2.95 -7.53 30.64
C PHE B 68 3.90 -7.26 29.50
N GLN B 69 5.20 -7.27 29.77
CA GLN B 69 6.17 -7.16 28.67
C GLN B 69 6.19 -8.45 27.83
N GLU B 70 5.83 -9.57 28.45
CA GLU B 70 5.61 -10.77 27.67
C GLU B 70 4.34 -10.70 26.82
N LYS B 71 3.24 -10.21 27.38
CA LYS B 71 2.04 -10.04 26.57
C LYS B 71 2.32 -9.11 25.36
N VAL B 72 3.04 -8.03 25.61
CA VAL B 72 3.33 -7.06 24.58
C VAL B 72 4.21 -7.70 23.50
N GLU B 73 5.30 -8.35 23.91
CA GLU B 73 6.14 -9.02 22.91
C GLU B 73 5.35 -9.98 22.03
N SER B 74 4.52 -10.82 22.67
CA SER B 74 3.66 -11.73 21.93
C SER B 74 2.74 -11.01 20.90
N LEU B 75 2.00 -9.99 21.32
CA LEU B 75 1.22 -9.19 20.39
C LEU B 75 2.05 -8.64 19.22
N GLU B 76 3.23 -8.11 19.52
CA GLU B 76 4.07 -7.53 18.48
C GLU B 76 4.50 -8.57 17.46
N GLN B 77 4.72 -9.80 17.88
CA GLN B 77 5.10 -10.78 16.88
C GLN B 77 3.89 -11.27 16.09
N GLU B 78 2.73 -11.40 16.75
CA GLU B 78 1.51 -11.70 15.98
C GLU B 78 1.31 -10.67 14.88
N ALA B 79 1.49 -9.41 15.23
CA ALA B 79 1.28 -8.33 14.30
C ALA B 79 2.29 -8.37 13.15
N ALA B 80 3.56 -8.61 13.47
CA ALA B 80 4.58 -8.71 12.42
C ALA B 80 4.21 -9.82 11.43
N ASN B 81 3.82 -10.97 11.98
CA ASN B 81 3.39 -12.09 11.16
C ASN B 81 2.24 -11.70 10.22
N GLU B 82 1.20 -11.10 10.79
CA GLU B 82 0.04 -10.71 10.00
C GLU B 82 0.41 -9.72 8.89
N ARG B 83 1.39 -8.86 9.16
CA ARG B 83 1.86 -7.91 8.15
C ARG B 83 2.48 -8.66 6.99
N GLN B 84 3.35 -9.62 7.30
CA GLN B 84 3.93 -10.38 6.20
C GLN B 84 2.84 -11.06 5.38
N GLN B 85 1.81 -11.61 6.03
CA GLN B 85 0.72 -12.24 5.28
C GLN B 85 0.08 -11.25 4.30
N LEU B 86 -0.21 -10.03 4.77
CA LEU B 86 -0.72 -9.00 3.87
C LEU B 86 0.20 -8.78 2.68
N VAL B 87 1.49 -8.69 2.95
CA VAL B 87 2.45 -8.45 1.87
C VAL B 87 2.39 -9.57 0.84
N GLU B 88 2.44 -10.81 1.30
CA GLU B 88 2.29 -11.99 0.44
C GLU B 88 1.06 -11.96 -0.44
N THR B 89 -0.08 -11.60 0.15
CA THR B 89 -1.34 -11.55 -0.58
C THR B 89 -1.28 -10.48 -1.68
N HIS B 90 -0.79 -9.30 -1.32
CA HIS B 90 -0.56 -8.25 -2.31
C HIS B 90 0.39 -8.71 -3.46
N MET B 91 1.50 -9.34 -3.13
CA MET B 91 2.46 -9.78 -4.16
C MET B 91 1.83 -10.78 -5.12
N ALA B 92 1.16 -11.79 -4.59
CA ALA B 92 0.40 -12.74 -5.40
C ALA B 92 -0.59 -12.02 -6.36
N ARG B 93 -1.36 -11.09 -5.83
CA ARG B 93 -2.32 -10.41 -6.67
C ARG B 93 -1.63 -9.66 -7.82
N VAL B 94 -0.51 -9.01 -7.51
CA VAL B 94 0.13 -8.18 -8.52
C VAL B 94 0.73 -9.10 -9.57
N GLU B 95 1.21 -10.25 -9.12
CA GLU B 95 1.69 -11.26 -10.02
C GLU B 95 0.61 -11.71 -11.00
N ALA B 96 -0.62 -11.90 -10.52
CA ALA B 96 -1.72 -12.33 -11.39
C ALA B 96 -2.01 -11.29 -12.47
N MET B 97 -2.11 -10.04 -12.03
CA MET B 97 -2.25 -8.93 -12.94
C MET B 97 -1.18 -8.93 -14.07
N LEU B 98 0.07 -9.15 -13.66
CA LEU B 98 1.19 -9.09 -14.61
C LEU B 98 1.20 -10.30 -15.53
N ASN B 99 0.85 -11.47 -15.00
CA ASN B 99 0.78 -12.70 -15.79
C ASN B 99 -0.22 -12.50 -16.93
N ASP B 100 -1.35 -11.90 -16.57
CA ASP B 100 -2.38 -11.57 -17.53
C ASP B 100 -1.79 -10.71 -18.62
N ARG B 101 -1.26 -9.55 -18.24
CA ARG B 101 -0.71 -8.63 -19.24
C ARG B 101 0.36 -9.27 -20.16
N ARG B 102 1.23 -10.08 -19.58
CA ARG B 102 2.21 -10.84 -20.35
C ARG B 102 1.53 -11.72 -21.41
N ARG B 103 0.53 -12.51 -20.99
CA ARG B 103 -0.18 -13.37 -21.93
C ARG B 103 -0.87 -12.58 -23.06
N LEU B 104 -1.45 -11.43 -22.73
CA LEU B 104 -2.08 -10.57 -23.72
C LEU B 104 -1.07 -10.01 -24.76
N ALA B 105 0.07 -9.49 -24.27
CA ALA B 105 1.12 -8.98 -25.15
C ALA B 105 1.63 -10.09 -26.08
N LEU B 106 1.78 -11.29 -25.52
CA LEU B 106 2.29 -12.40 -26.28
C LEU B 106 1.32 -12.78 -27.39
N GLU B 107 0.03 -12.87 -27.06
CA GLU B 107 -0.93 -13.25 -28.10
C GLU B 107 -0.92 -12.18 -29.20
N ASN B 108 -0.84 -10.89 -28.83
CA ASN B 108 -0.93 -9.83 -29.83
C ASN B 108 0.26 -9.79 -30.78
N TYR B 109 1.44 -9.98 -30.21
CA TYR B 109 2.65 -10.15 -30.99
C TYR B 109 2.56 -11.36 -31.93
N ILE B 110 2.07 -12.50 -31.43
CA ILE B 110 1.96 -13.69 -32.28
C ILE B 110 0.93 -13.52 -33.43
N THR B 111 -0.20 -12.86 -33.18
CA THR B 111 -1.16 -12.63 -34.26
C THR B 111 -0.59 -11.59 -35.25
N ALA B 112 0.22 -10.67 -34.73
CA ALA B 112 1.00 -9.77 -35.59
C ALA B 112 1.98 -10.56 -36.46
N LEU B 113 2.45 -11.70 -35.94
CA LEU B 113 3.43 -12.53 -36.63
C LEU B 113 2.79 -13.54 -37.60
N GLN B 114 1.50 -13.79 -37.43
CA GLN B 114 0.79 -14.70 -38.33
C GLN B 114 -0.09 -13.92 -39.31
N ALA B 115 -0.11 -12.61 -39.15
CA ALA B 115 -0.83 -11.73 -40.07
C ALA B 115 -0.23 -11.83 -41.47
N VAL B 116 -1.10 -11.92 -42.48
CA VAL B 116 -0.64 -11.94 -43.86
C VAL B 116 -1.35 -10.84 -44.65
N PRO B 117 -0.56 -9.88 -45.20
CA PRO B 117 0.91 -9.84 -45.18
C PRO B 117 1.45 -9.26 -43.88
N PRO B 118 2.55 -9.82 -43.36
CA PRO B 118 3.13 -9.30 -42.13
C PRO B 118 3.58 -7.85 -42.31
N ARG B 119 3.25 -6.99 -41.35
CA ARG B 119 3.73 -5.61 -41.36
C ARG B 119 4.73 -5.41 -40.21
N PRO B 120 6.04 -5.46 -40.50
CA PRO B 120 7.15 -5.41 -39.53
C PRO B 120 7.15 -4.20 -38.59
N HIS B 121 6.62 -3.07 -39.05
CA HIS B 121 6.31 -1.94 -38.18
C HIS B 121 5.59 -2.43 -36.92
N HIS B 122 4.40 -2.95 -37.19
CA HIS B 122 3.50 -3.56 -36.22
C HIS B 122 4.25 -4.61 -35.39
N VAL B 123 4.70 -5.67 -36.06
CA VAL B 123 5.40 -6.79 -35.40
C VAL B 123 6.45 -6.35 -34.39
N PHE B 124 7.32 -5.42 -34.79
CA PHE B 124 8.34 -4.93 -33.87
C PHE B 124 7.73 -4.14 -32.73
N ASN B 125 6.65 -3.40 -33.00
CA ASN B 125 5.99 -2.71 -31.89
C ASN B 125 5.38 -3.67 -30.83
N MET B 126 4.71 -4.71 -31.31
CA MET B 126 4.13 -5.69 -30.40
C MET B 126 5.24 -6.45 -29.66
N LEU B 127 6.30 -6.75 -30.40
CA LEU B 127 7.49 -7.38 -29.84
C LEU B 127 7.99 -6.52 -28.67
N LYS B 128 8.12 -5.22 -28.94
CA LYS B 128 8.42 -4.20 -27.93
C LYS B 128 7.60 -4.45 -26.65
N LYS B 129 6.28 -4.34 -26.76
CA LYS B 129 5.44 -4.42 -25.55
C LYS B 129 5.48 -5.81 -24.85
N TYR B 130 5.65 -6.88 -25.60
CA TYR B 130 5.76 -8.20 -25.00
C TYR B 130 7.07 -8.37 -24.21
N VAL B 131 8.16 -7.79 -24.73
CA VAL B 131 9.43 -7.77 -24.02
C VAL B 131 9.32 -6.93 -22.75
N ARG B 132 8.63 -5.80 -22.86
CA ARG B 132 8.39 -4.98 -21.68
C ARG B 132 7.59 -5.76 -20.63
N ALA B 133 6.55 -6.48 -21.04
CA ALA B 133 5.76 -7.31 -20.13
C ALA B 133 6.60 -8.36 -19.42
N GLU B 134 7.38 -9.11 -20.19
CA GLU B 134 8.25 -10.12 -19.60
C GLU B 134 9.20 -9.49 -18.57
N GLN B 135 9.75 -8.34 -18.93
CA GLN B 135 10.62 -7.57 -18.05
C GLN B 135 9.91 -7.21 -16.76
N LYS B 136 8.73 -6.62 -16.84
CA LYS B 136 7.98 -6.20 -15.65
C LYS B 136 7.59 -7.40 -14.76
N ASP B 137 7.31 -8.54 -15.38
CA ASP B 137 7.16 -9.80 -14.67
C ASP B 137 8.42 -10.09 -13.83
N ARG B 138 9.55 -10.05 -14.52
CA ARG B 138 10.81 -10.36 -13.88
C ARG B 138 11.11 -9.38 -12.74
N GLN B 139 10.93 -8.09 -13.00
CA GLN B 139 11.06 -7.06 -12.00
C GLN B 139 10.23 -7.39 -10.76
N HIS B 140 8.98 -7.76 -10.95
CA HIS B 140 8.15 -8.10 -9.80
C HIS B 140 8.78 -9.25 -9.01
N THR B 141 9.22 -10.27 -9.74
CA THR B 141 9.84 -11.42 -9.10
C THR B 141 11.02 -10.99 -8.22
N LEU B 142 11.84 -10.10 -8.80
CA LEU B 142 13.00 -9.57 -8.10
C LEU B 142 12.57 -8.81 -6.85
N LYS B 143 11.58 -7.94 -6.99
CA LYS B 143 11.13 -7.06 -5.90
C LYS B 143 10.59 -7.88 -4.72
N HIS B 144 9.84 -8.93 -5.04
CA HIS B 144 9.38 -9.89 -4.06
C HIS B 144 10.56 -10.50 -3.32
N PHE B 145 11.53 -11.00 -4.08
CA PHE B 145 12.68 -11.64 -3.45
C PHE B 145 13.46 -10.65 -2.58
N GLU B 146 13.57 -9.41 -3.04
CA GLU B 146 14.28 -8.36 -2.33
C GLU B 146 13.62 -8.12 -0.98
N HIS B 147 12.30 -8.03 -1.00
CA HIS B 147 11.55 -7.83 0.24
C HIS B 147 11.77 -8.96 1.22
N VAL B 148 11.68 -10.19 0.71
CA VAL B 148 11.95 -11.35 1.54
C VAL B 148 13.35 -11.26 2.15
N ARG B 149 14.34 -10.87 1.34
CA ARG B 149 15.71 -10.81 1.80
C ARG B 149 15.86 -9.77 2.91
N MET B 150 15.23 -8.62 2.72
CA MET B 150 15.25 -7.57 3.71
C MET B 150 14.70 -8.10 5.03
N VAL B 151 13.39 -8.34 5.05
CA VAL B 151 12.68 -8.75 6.25
C VAL B 151 13.11 -10.12 6.81
N ASP B 152 13.65 -10.99 5.95
CA ASP B 152 13.92 -12.36 6.41
C ASP B 152 15.00 -13.08 5.59
N PRO B 153 16.27 -12.67 5.74
CA PRO B 153 17.36 -13.20 4.91
C PRO B 153 17.47 -14.74 4.87
N LYS B 154 17.00 -15.43 5.91
CA LYS B 154 17.17 -16.88 5.96
C LYS B 154 16.21 -17.62 5.05
N LYS B 155 14.97 -17.13 5.03
CA LYS B 155 13.97 -17.60 4.09
C LYS B 155 14.45 -17.31 2.66
N ALA B 156 14.97 -16.11 2.44
CA ALA B 156 15.42 -15.68 1.12
C ALA B 156 16.51 -16.61 0.61
N ALA B 157 17.48 -16.90 1.49
CA ALA B 157 18.51 -17.88 1.20
C ALA B 157 17.87 -19.22 0.86
N GLN B 158 16.75 -19.53 1.49
CA GLN B 158 16.13 -20.82 1.19
C GLN B 158 15.44 -20.88 -0.16
N ILE B 159 14.73 -19.81 -0.54
CA ILE B 159 13.95 -19.80 -1.79
C ILE B 159 14.73 -19.32 -3.03
N ARG B 160 15.99 -18.89 -2.83
CA ARG B 160 16.78 -18.35 -3.94
C ARG B 160 16.76 -19.29 -5.17
N SER B 161 17.09 -20.56 -4.94
CA SER B 161 17.11 -21.59 -5.98
C SER B 161 15.88 -21.54 -6.88
N GLN B 162 14.73 -21.49 -6.21
CA GLN B 162 13.41 -21.39 -6.85
C GLN B 162 13.30 -20.14 -7.71
N VAL B 163 13.78 -19.02 -7.18
CA VAL B 163 13.73 -17.80 -7.96
C VAL B 163 14.58 -17.96 -9.24
N MET B 164 15.82 -18.46 -9.09
CA MET B 164 16.71 -18.63 -10.22
C MET B 164 16.06 -19.50 -11.29
N THR B 165 15.42 -20.59 -10.86
CA THR B 165 14.79 -21.47 -11.85
C THR B 165 13.63 -20.75 -12.54
N HIS B 166 12.89 -19.92 -11.82
CA HIS B 166 11.85 -19.11 -12.47
C HIS B 166 12.43 -18.14 -13.50
N LEU B 167 13.60 -17.61 -13.17
CA LEU B 167 14.23 -16.63 -14.06
C LEU B 167 14.63 -17.35 -15.34
N ARG B 168 15.08 -18.59 -15.17
CA ARG B 168 15.46 -19.43 -16.29
C ARG B 168 14.24 -19.73 -17.16
N VAL B 169 13.09 -19.90 -16.53
CA VAL B 169 11.84 -20.04 -17.29
C VAL B 169 11.54 -18.80 -18.13
N ILE B 170 11.62 -17.63 -17.51
CA ILE B 170 11.40 -16.38 -18.23
C ILE B 170 12.34 -16.30 -19.44
N TYR B 171 13.58 -16.70 -19.24
CA TYR B 171 14.51 -16.73 -20.35
C TYR B 171 14.03 -17.64 -21.46
N GLU B 172 13.71 -18.88 -21.12
CA GLU B 172 13.37 -19.85 -22.13
C GLU B 172 12.14 -19.41 -22.91
N ARG B 173 11.16 -18.90 -22.20
CA ARG B 173 9.95 -18.47 -22.84
C ARG B 173 10.30 -17.36 -23.79
N MET B 174 11.14 -16.45 -23.38
CA MET B 174 11.51 -15.34 -24.24
C MET B 174 12.21 -15.82 -25.49
N ASN B 175 13.10 -16.77 -25.30
CA ASN B 175 13.89 -17.26 -26.40
C ASN B 175 13.02 -17.92 -27.44
N GLN B 176 12.07 -18.72 -27.01
CA GLN B 176 11.17 -19.36 -27.92
C GLN B 176 10.41 -18.27 -28.63
N SER B 177 10.02 -17.26 -27.90
CA SER B 177 9.26 -16.20 -28.49
C SER B 177 10.06 -15.52 -29.57
N LEU B 178 11.35 -15.36 -29.34
CA LEU B 178 12.21 -14.86 -30.40
C LEU B 178 12.29 -15.83 -31.57
N SER B 179 12.43 -17.11 -31.30
CA SER B 179 12.61 -18.09 -32.34
C SER B 179 11.51 -17.96 -33.37
N LEU B 180 10.30 -17.73 -32.91
CA LEU B 180 9.16 -17.51 -33.81
C LEU B 180 9.42 -16.41 -34.85
N LEU B 181 10.08 -15.34 -34.43
CA LEU B 181 10.47 -14.28 -35.35
C LEU B 181 11.47 -14.84 -36.34
N TYR B 182 12.43 -15.63 -35.85
CA TYR B 182 13.40 -16.26 -36.74
C TYR B 182 12.78 -17.25 -37.71
N ASN B 183 11.51 -17.62 -37.50
CA ASN B 183 10.76 -18.45 -38.45
C ASN B 183 10.34 -17.71 -39.73
N VAL B 184 10.06 -16.41 -39.62
CA VAL B 184 9.51 -15.66 -40.75
C VAL B 184 10.53 -14.60 -41.26
N PRO B 185 11.50 -15.06 -42.07
CA PRO B 185 12.80 -14.40 -42.29
C PRO B 185 12.74 -13.00 -42.91
N ALA B 186 11.74 -12.74 -43.75
CA ALA B 186 11.61 -11.45 -44.44
C ALA B 186 11.39 -10.30 -43.45
N VAL B 187 10.43 -10.50 -42.57
CA VAL B 187 10.14 -9.59 -41.48
C VAL B 187 11.33 -9.39 -40.54
N ALA B 188 11.94 -10.53 -40.18
CA ALA B 188 13.14 -10.56 -39.32
C ALA B 188 14.26 -9.69 -39.86
N GLU B 189 14.58 -9.86 -41.14
CA GLU B 189 15.64 -9.07 -41.77
C GLU B 189 15.22 -7.62 -41.95
N GLU B 190 13.94 -7.42 -42.20
CA GLU B 190 13.36 -6.08 -42.25
C GLU B 190 13.67 -5.27 -41.00
N ILE B 191 13.46 -5.85 -39.82
CA ILE B 191 13.54 -5.07 -38.58
C ILE B 191 14.68 -5.47 -37.63
N GLN B 192 15.62 -6.24 -38.18
CA GLN B 192 16.68 -6.92 -37.42
C GLN B 192 17.52 -6.05 -36.47
N ASP B 193 17.76 -4.79 -36.81
CA ASP B 193 18.66 -3.98 -35.98
C ASP B 193 17.91 -3.24 -34.86
N GLU B 194 16.64 -2.96 -35.08
CA GLU B 194 15.77 -2.49 -34.01
C GLU B 194 15.55 -3.63 -32.99
N VAL B 195 15.39 -4.84 -33.52
CA VAL B 195 15.37 -6.04 -32.69
C VAL B 195 16.68 -6.20 -31.92
N ASP B 196 17.81 -6.01 -32.60
CA ASP B 196 19.13 -6.16 -31.99
C ASP B 196 19.36 -5.14 -30.86
N GLU B 197 18.84 -3.92 -31.02
CA GLU B 197 18.98 -2.94 -29.94
C GLU B 197 18.01 -3.24 -28.78
N LEU B 198 16.81 -3.70 -29.10
CA LEU B 198 15.89 -4.14 -28.04
C LEU B 198 16.54 -5.22 -27.18
N LEU B 199 17.08 -6.25 -27.83
CA LEU B 199 17.80 -7.31 -27.14
C LEU B 199 19.05 -6.80 -26.41
N GLN B 200 19.63 -5.72 -26.94
CA GLN B 200 20.76 -5.06 -26.29
C GLN B 200 20.35 -4.67 -24.87
N LYS B 201 19.39 -3.74 -24.78
CA LYS B 201 19.07 -3.23 -23.47
C LYS B 201 18.42 -4.34 -22.62
N GLU B 202 17.72 -5.28 -23.25
CA GLU B 202 17.17 -6.42 -22.50
C GLU B 202 18.26 -7.18 -21.78
N GLN B 203 19.31 -7.50 -22.52
CA GLN B 203 20.45 -8.18 -21.95
C GLN B 203 20.96 -7.38 -20.77
N ASN B 204 20.98 -6.05 -20.91
CA ASN B 204 21.38 -5.21 -19.78
C ASN B 204 20.47 -5.38 -18.55
N TYR B 205 19.16 -5.39 -18.80
CA TYR B 205 18.16 -5.56 -17.74
C TYR B 205 18.33 -6.88 -16.99
N SER B 206 18.36 -7.97 -17.74
CA SER B 206 18.56 -9.30 -17.19
C SER B 206 19.83 -9.36 -16.35
N ASP B 207 20.93 -8.84 -16.90
CA ASP B 207 22.18 -8.75 -16.14
C ASP B 207 21.98 -8.01 -14.80
N ASP B 208 21.36 -6.83 -14.88
CA ASP B 208 21.03 -6.03 -13.70
C ASP B 208 20.27 -6.85 -12.65
N VAL B 209 19.36 -7.67 -13.13
CA VAL B 209 18.54 -8.51 -12.26
C VAL B 209 19.35 -9.59 -11.55
N LEU B 210 20.20 -10.30 -12.28
CA LEU B 210 21.06 -11.31 -11.63
C LEU B 210 22.03 -10.67 -10.63
N ALA B 211 22.50 -9.47 -10.97
CA ALA B 211 23.35 -8.69 -10.06
C ALA B 211 22.61 -8.39 -8.76
N ASN B 212 21.41 -7.83 -8.89
CA ASN B 212 20.56 -7.53 -7.73
C ASN B 212 20.23 -8.80 -6.96
N MET B 213 20.28 -9.95 -7.65
CA MET B 213 20.01 -11.24 -7.01
C MET B 213 21.13 -11.69 -6.10
N ILE B 214 22.33 -11.89 -6.63
CA ILE B 214 23.39 -12.49 -5.80
C ILE B 214 23.79 -11.59 -4.59
N SER B 215 23.68 -10.26 -4.76
CA SER B 215 23.59 -9.27 -3.67
C SER B 215 23.42 -7.85 -4.22
C1 NAG C . 23.06 0.08 46.37
C2 NAG C . 22.40 -1.11 47.10
C3 NAG C . 23.41 -2.25 47.35
C4 NAG C . 24.11 -2.61 46.06
C5 NAG C . 24.81 -1.37 45.52
C6 NAG C . 25.58 -1.58 44.25
C7 NAG C . 22.14 -0.17 49.44
C8 NAG C . 23.62 0.11 49.54
N2 NAG C . 21.67 -0.74 48.30
O3 NAG C . 22.73 -3.39 47.89
O4 NAG C . 25.07 -3.66 46.27
O5 NAG C . 23.82 -0.38 45.23
O6 NAG C . 25.97 -0.33 43.70
O7 NAG C . 21.39 0.09 50.37
MG MG D . -19.78 15.09 -14.51
C1 NAG E . 16.01 -21.15 -27.85
C2 NAG E . 17.23 -22.04 -28.00
C3 NAG E . 17.76 -21.98 -29.40
C4 NAG E . 16.66 -22.20 -30.42
C5 NAG E . 15.34 -21.53 -30.08
C6 NAG E . 14.23 -22.32 -30.73
C7 NAG E . 18.20 -22.03 -25.81
C8 NAG E . 19.41 -21.73 -24.99
N2 NAG E . 18.24 -21.62 -27.07
O3 NAG E . 18.72 -23.02 -29.51
O4 NAG E . 17.12 -21.64 -31.64
O5 NAG E . 15.00 -21.59 -28.71
O6 NAG E . 14.25 -23.60 -30.08
O7 NAG E . 17.25 -22.60 -25.36
#